data_5EY0
#
_entry.id   5EY0
#
_cell.length_a   45.894
_cell.length_b   76.028
_cell.length_c   158.023
_cell.angle_alpha   90.00
_cell.angle_beta   90.00
_cell.angle_gamma   90.00
#
_symmetry.space_group_name_H-M   'P 21 21 21'
#
loop_
_entity.id
_entity.type
_entity.pdbx_description
1 polymer 'GTP-sensing transcriptional pleiotropic repressor CodY'
2 non-polymer ISOLEUCINE
3 non-polymer "GUANOSINE-5'-TRIPHOSPHATE"
4 water water
#
_entity_poly.entity_id   1
_entity_poly.type   'polypeptide(L)'
_entity_poly.pdbx_seq_one_letter_code
;HHHHHHSSGLVPRGSHMMSLLSKTRELNTLLQKHKGIAVDFKDVAQTISSVTVTNVFIVSRRGKILGSSLNELLKSQRII
QMLEERHIPSEYTERLMEVKQTESNIDIDNVLTVFPPENRELFIDSRTTIFPILGGGERLGTLVLGRVHDDFNENDLVLG
EYAATVIGMEILREKHSEVEKEARDKAAITMAINSLSYSEKEAIEHIFEELGGTEGLLIASKVADRVGITRSVIVNALRK
LESAGVIESRSLGMKGTFIKVKKEKFLDELEKSK
;
_entity_poly.pdbx_strand_id   B,A
#
loop_
_chem_comp.id
_chem_comp.type
_chem_comp.name
_chem_comp.formula
GTP non-polymer GUANOSINE-5'-TRIPHOSPHATE 'C10 H16 N5 O14 P3'
#
# COMPACT_ATOMS: atom_id res chain seq x y z
N MET A 18 -5.34 32.68 6.07
CA MET A 18 -4.81 31.49 5.40
C MET A 18 -5.85 30.91 4.45
N SER A 19 -5.43 30.68 3.21
CA SER A 19 -6.31 30.16 2.18
C SER A 19 -6.63 28.69 2.39
N LEU A 20 -7.78 28.24 1.89
CA LEU A 20 -8.10 26.82 1.94
C LEU A 20 -7.01 26.01 1.19
N LEU A 21 -6.55 26.55 0.07
CA LEU A 21 -5.50 25.86 -0.71
C LEU A 21 -4.24 25.66 0.15
N SER A 22 -3.87 26.66 0.94
CA SER A 22 -2.72 26.50 1.83
C SER A 22 -2.97 25.45 2.90
N LYS A 23 -4.19 25.41 3.42
CA LYS A 23 -4.55 24.43 4.46
C LYS A 23 -4.52 23.02 3.89
N THR A 24 -5.09 22.84 2.70
CA THR A 24 -5.08 21.52 2.11
C THR A 24 -3.63 21.09 1.78
N ARG A 25 -2.78 22.04 1.41
CA ARG A 25 -1.41 21.67 1.07
C ARG A 25 -0.65 21.22 2.30
N GLU A 26 -1.00 21.78 3.46
CA GLU A 26 -0.30 21.40 4.68
C GLU A 26 -0.68 19.95 5.02
N LEU A 27 -1.96 19.61 4.87
CA LEU A 27 -2.41 18.23 5.07
C LEU A 27 -1.84 17.28 4.01
N ASN A 28 -1.90 17.66 2.74
CA ASN A 28 -1.37 16.79 1.69
C ASN A 28 0.12 16.53 1.80
N THR A 29 0.87 17.50 2.32
CA THR A 29 2.30 17.33 2.48
C THR A 29 2.56 16.19 3.45
N LEU A 30 1.79 16.15 4.54
CA LEU A 30 1.87 15.02 5.48
C LEU A 30 1.55 13.72 4.78
N LEU A 31 0.47 13.72 4.01
CA LEU A 31 0.01 12.49 3.36
C LEU A 31 0.98 12.01 2.30
N GLN A 32 1.57 12.95 1.58
CA GLN A 32 2.47 12.60 0.48
C GLN A 32 3.87 12.18 0.90
N LYS A 33 4.29 12.63 2.09
CA LYS A 33 5.71 12.49 2.42
C LYS A 33 6.02 11.80 3.74
N HIS A 34 4.98 11.36 4.46
CA HIS A 34 5.21 10.57 5.68
C HIS A 34 6.06 9.34 5.38
N LYS A 35 6.66 8.78 6.42
CA LYS A 35 7.46 7.57 6.25
C LYS A 35 6.66 6.34 6.64
N GLY A 36 7.09 5.18 6.13
CA GLY A 36 6.38 3.94 6.35
C GLY A 36 5.21 3.82 5.39
N ILE A 37 4.58 2.67 5.33
CA ILE A 37 3.45 2.50 4.42
C ILE A 37 2.20 3.18 5.00
N ALA A 38 2.10 3.21 6.31
CA ALA A 38 0.89 3.73 6.94
C ALA A 38 1.02 5.19 7.38
N VAL A 39 -0.06 5.95 7.21
CA VAL A 39 -0.16 7.26 7.82
C VAL A 39 -0.41 7.06 9.31
N ASP A 40 0.27 7.83 10.14
CA ASP A 40 0.03 7.82 11.59
C ASP A 40 -1.10 8.79 11.91
N PHE A 41 -2.22 8.30 12.45
CA PHE A 41 -3.34 9.20 12.72
C PHE A 41 -3.02 10.20 13.86
N LYS A 42 -1.97 9.93 14.62
CA LYS A 42 -1.54 10.92 15.59
C LYS A 42 -1.04 12.16 14.85
N ASP A 43 -0.29 11.95 13.76
CA ASP A 43 0.15 13.08 12.93
C ASP A 43 -1.01 13.76 12.25
N VAL A 44 -1.93 12.97 11.69
CA VAL A 44 -3.09 13.55 11.02
C VAL A 44 -3.87 14.45 11.97
N ALA A 45 -4.08 14.00 13.20
CA ALA A 45 -4.79 14.81 14.18
C ALA A 45 -4.08 16.16 14.42
N GLN A 46 -2.76 16.14 14.52
CA GLN A 46 -2.00 17.38 14.73
C GLN A 46 -2.21 18.35 13.58
N THR A 47 -2.11 17.83 12.35
CA THR A 47 -2.25 18.69 11.19
C THR A 47 -3.65 19.23 11.01
N ILE A 48 -4.67 18.39 11.23
CA ILE A 48 -6.04 18.88 11.17
C ILE A 48 -6.25 20.00 12.18
N SER A 49 -5.72 19.81 13.40
CA SER A 49 -5.82 20.84 14.43
C SER A 49 -5.14 22.13 14.00
N SER A 50 -3.98 21.99 13.37
CA SER A 50 -3.22 23.15 12.88
C SER A 50 -3.98 24.00 11.87
N VAL A 51 -4.64 23.36 10.92
CA VAL A 51 -5.24 24.10 9.80
C VAL A 51 -6.69 24.52 10.10
N THR A 52 -7.31 23.93 11.11
CA THR A 52 -8.68 24.36 11.45
C THR A 52 -8.79 25.03 12.83
N VAL A 53 -7.68 25.09 13.54
CA VAL A 53 -7.62 25.64 14.91
C VAL A 53 -8.70 25.01 15.78
N THR A 54 -8.64 23.67 15.87
CA THR A 54 -9.62 22.90 16.61
C THR A 54 -8.98 21.92 17.58
N ASN A 55 -9.79 21.48 18.54
CA ASN A 55 -9.50 20.29 19.33
C ASN A 55 -9.94 19.09 18.51
N VAL A 56 -9.06 18.11 18.32
CA VAL A 56 -9.35 17.03 17.39
C VAL A 56 -9.32 15.65 18.02
N PHE A 57 -10.35 14.85 17.77
CA PHE A 57 -10.32 13.41 18.05
C PHE A 57 -10.50 12.62 16.77
N ILE A 58 -9.69 11.58 16.59
CA ILE A 58 -9.95 10.54 15.60
C ILE A 58 -10.21 9.25 16.37
N VAL A 59 -11.42 8.72 16.27
CA VAL A 59 -11.77 7.56 17.07
C VAL A 59 -12.28 6.41 16.22
N SER A 60 -12.02 5.20 16.68
CA SER A 60 -12.53 4.00 16.05
C SER A 60 -14.01 3.83 16.33
N ARG A 61 -14.60 2.81 15.73
CA ARG A 61 -16.02 2.50 15.92
C ARG A 61 -16.36 2.31 17.39
N ARG A 62 -15.46 1.71 18.15
CA ARG A 62 -15.72 1.43 19.57
C ARG A 62 -15.13 2.48 20.49
N GLY A 63 -14.66 3.58 19.90
CA GLY A 63 -14.24 4.73 20.68
C GLY A 63 -12.78 4.74 21.11
N LYS A 64 -11.95 3.89 20.52
CA LYS A 64 -10.52 3.98 20.79
C LYS A 64 -9.99 5.28 20.18
N ILE A 65 -9.20 6.02 20.95
CA ILE A 65 -8.61 7.25 20.44
C ILE A 65 -7.41 6.87 19.58
N LEU A 66 -7.56 7.00 18.26
CA LEU A 66 -6.49 6.66 17.34
C LEU A 66 -5.54 7.84 17.16
N GLY A 67 -6.05 9.03 17.42
CA GLY A 67 -5.23 10.23 17.44
C GLY A 67 -5.96 11.39 18.08
N SER A 68 -5.22 12.27 18.74
CA SER A 68 -5.88 13.46 19.29
C SER A 68 -4.94 14.65 19.23
N SER A 69 -5.52 15.84 19.16
CA SER A 69 -4.75 17.08 19.25
C SER A 69 -5.59 18.10 19.96
N LEU A 70 -5.29 18.27 21.22
CA LEU A 70 -6.16 18.97 22.16
C LEU A 70 -5.48 20.19 22.75
N ASN A 71 -6.26 21.23 23.01
CA ASN A 71 -5.77 22.43 23.66
C ASN A 71 -6.58 22.72 24.89
N GLU A 72 -7.69 23.43 24.70
CA GLU A 72 -8.52 23.83 25.83
C GLU A 72 -9.10 22.60 26.54
N LEU A 73 -9.30 21.51 25.81
CA LEU A 73 -9.90 20.31 26.42
C LEU A 73 -8.99 19.68 27.48
N LEU A 74 -7.70 19.98 27.43
CA LEU A 74 -6.75 19.45 28.42
C LEU A 74 -7.00 19.97 29.83
N LYS A 75 -7.76 21.05 29.95
CA LYS A 75 -8.12 21.57 31.26
C LYS A 75 -8.99 20.57 32.01
N SER A 76 -9.87 19.92 31.27
CA SER A 76 -10.84 19.00 31.85
C SER A 76 -10.24 17.71 32.34
N GLN A 77 -10.49 17.41 33.61
CA GLN A 77 -9.99 16.19 34.24
C GLN A 77 -10.55 14.93 33.55
N ARG A 78 -11.82 14.97 33.16
CA ARG A 78 -12.42 13.84 32.44
C ARG A 78 -11.69 13.55 31.13
N ILE A 79 -11.29 14.59 30.41
CA ILE A 79 -10.58 14.43 29.14
C ILE A 79 -9.23 13.79 29.39
N ILE A 80 -8.55 14.27 30.43
CA ILE A 80 -7.26 13.71 30.81
C ILE A 80 -7.38 12.21 31.04
N GLN A 81 -8.46 11.79 31.70
CA GLN A 81 -8.63 10.38 31.97
C GLN A 81 -8.89 9.60 30.68
N MET A 82 -9.65 10.19 29.76
CA MET A 82 -9.88 9.55 28.46
C MET A 82 -8.57 9.26 27.74
N LEU A 83 -7.66 10.24 27.78
CA LEU A 83 -6.36 10.08 27.13
C LEU A 83 -5.59 8.94 27.78
N GLU A 84 -5.68 8.84 29.11
CA GLU A 84 -5.01 7.75 29.82
C GLU A 84 -5.58 6.39 29.42
N GLU A 85 -6.90 6.32 29.26
CA GLU A 85 -7.58 5.09 28.90
C GLU A 85 -7.57 4.85 27.38
N ARG A 86 -7.13 5.85 26.63
CA ARG A 86 -7.10 5.81 25.17
C ARG A 86 -8.48 5.55 24.56
N HIS A 87 -9.52 5.99 25.27
CA HIS A 87 -10.90 5.76 24.81
C HIS A 87 -11.80 6.92 25.20
N ILE A 88 -12.71 7.30 24.31
CA ILE A 88 -13.78 8.20 24.69
C ILE A 88 -14.83 7.38 25.43
N PRO A 89 -15.73 8.05 26.17
CA PRO A 89 -16.72 7.28 26.94
C PRO A 89 -17.62 6.43 26.04
N SER A 90 -18.08 5.28 26.54
CA SER A 90 -18.93 4.40 25.74
C SER A 90 -20.23 5.09 25.32
N GLU A 91 -20.77 5.93 26.19
CA GLU A 91 -22.00 6.64 25.85
C GLU A 91 -21.81 7.56 24.63
N TYR A 92 -20.74 8.34 24.62
CA TYR A 92 -20.48 9.25 23.52
C TYR A 92 -20.17 8.44 22.26
N THR A 93 -19.44 7.34 22.45
CA THR A 93 -19.15 6.39 21.38
C THR A 93 -20.42 5.98 20.66
N GLU A 94 -21.42 5.56 21.45
CA GLU A 94 -22.67 5.11 20.86
C GLU A 94 -23.41 6.27 20.17
N ARG A 95 -23.35 7.46 20.77
CA ARG A 95 -23.96 8.65 20.17
C ARG A 95 -23.35 8.99 18.81
N LEU A 96 -22.03 8.93 18.72
CA LEU A 96 -21.38 9.26 17.47
C LEU A 96 -21.83 8.34 16.35
N MET A 97 -22.15 7.10 16.70
CA MET A 97 -22.42 6.11 15.67
C MET A 97 -23.82 6.34 15.10
N GLU A 98 -24.62 7.18 15.75
CA GLU A 98 -25.93 7.54 15.20
C GLU A 98 -25.83 8.74 14.26
N VAL A 99 -24.65 9.36 14.17
CA VAL A 99 -24.45 10.46 13.26
C VAL A 99 -23.94 9.89 11.92
N LYS A 100 -24.76 9.97 10.86
CA LYS A 100 -24.47 9.29 9.60
C LYS A 100 -24.25 10.27 8.46
N GLN A 101 -24.10 11.54 8.83
CA GLN A 101 -23.95 12.66 7.90
C GLN A 101 -23.11 13.68 8.65
N THR A 102 -22.38 14.54 7.97
CA THR A 102 -21.72 15.62 8.70
C THR A 102 -22.77 16.43 9.45
N GLU A 103 -22.55 16.60 10.76
CA GLU A 103 -23.36 17.53 11.54
C GLU A 103 -22.43 18.56 12.11
N SER A 104 -22.72 19.83 11.87
CA SER A 104 -21.79 20.88 12.25
C SER A 104 -22.42 21.87 13.20
N ASN A 105 -21.55 22.64 13.83
CA ASN A 105 -21.92 23.74 14.72
C ASN A 105 -22.86 23.30 15.85
N ILE A 106 -22.57 22.13 16.38
CA ILE A 106 -23.24 21.58 17.57
C ILE A 106 -22.82 22.33 18.83
N ASP A 107 -23.80 22.78 19.62
CA ASP A 107 -23.49 23.60 20.79
C ASP A 107 -23.31 22.80 22.10
N ILE A 108 -22.94 23.50 23.16
CA ILE A 108 -22.52 22.87 24.42
C ILE A 108 -23.68 22.13 25.13
N ASP A 109 -24.91 22.51 24.83
CA ASP A 109 -26.07 21.91 25.50
C ASP A 109 -26.63 20.75 24.69
N ASN A 110 -25.94 20.41 23.61
CA ASN A 110 -26.30 19.29 22.76
C ASN A 110 -25.43 18.10 23.14
N VAL A 111 -26.00 16.90 23.23
CA VAL A 111 -25.23 15.73 23.69
C VAL A 111 -24.10 15.33 22.75
N LEU A 112 -24.15 15.77 21.49
CA LEU A 112 -23.07 15.45 20.55
C LEU A 112 -21.87 16.36 20.71
N THR A 113 -21.96 17.35 21.59
CA THR A 113 -20.82 18.23 21.81
C THR A 113 -19.59 17.41 22.19
N VAL A 114 -18.41 17.85 21.76
CA VAL A 114 -17.18 17.14 22.14
C VAL A 114 -16.61 17.75 23.44
N PHE A 115 -17.26 18.79 23.96
CA PHE A 115 -16.80 19.43 25.19
C PHE A 115 -17.51 18.84 26.41
N PRO A 116 -16.84 18.85 27.57
CA PRO A 116 -17.45 18.35 28.80
C PRO A 116 -18.56 19.27 29.31
N PRO A 117 -19.80 18.78 29.42
CA PRO A 117 -20.90 19.63 29.89
C PRO A 117 -20.69 20.13 31.31
N GLU A 118 -19.91 19.40 32.09
CA GLU A 118 -19.63 19.83 33.45
C GLU A 118 -18.67 21.03 33.49
N ASN A 119 -18.11 21.39 32.34
CA ASN A 119 -17.29 22.60 32.22
C ASN A 119 -17.95 23.60 31.29
N ARG A 120 -19.28 23.60 31.28
CA ARG A 120 -20.07 24.47 30.43
C ARG A 120 -19.59 25.92 30.38
N GLU A 121 -19.21 26.48 31.52
CA GLU A 121 -18.82 27.89 31.60
C GLU A 121 -17.63 28.21 30.67
N LEU A 122 -16.71 27.26 30.49
CA LEU A 122 -15.54 27.45 29.64
C LEU A 122 -15.91 27.40 28.18
N PHE A 123 -17.00 26.70 27.90
CA PHE A 123 -17.29 26.24 26.55
C PHE A 123 -18.67 26.69 26.10
N ILE A 124 -19.15 27.76 26.70
CA ILE A 124 -20.52 28.22 26.49
C ILE A 124 -20.79 28.55 25.01
N ASP A 125 -19.76 29.02 24.31
CA ASP A 125 -19.88 29.39 22.90
C ASP A 125 -19.27 28.37 21.94
N SER A 126 -18.92 27.20 22.46
CA SER A 126 -18.20 26.20 21.69
C SER A 126 -19.05 25.62 20.57
N ARG A 127 -18.36 25.14 19.54
CA ARG A 127 -19.00 24.51 18.40
C ARG A 127 -18.30 23.20 18.12
N THR A 128 -19.08 22.14 17.87
CA THR A 128 -18.54 20.84 17.54
C THR A 128 -19.00 20.41 16.15
N THR A 129 -18.10 19.83 15.37
CA THR A 129 -18.50 19.21 14.13
C THR A 129 -18.09 17.75 14.09
N ILE A 130 -19.01 16.91 13.63
CA ILE A 130 -18.82 15.47 13.56
C ILE A 130 -18.77 15.00 12.10
N PHE A 131 -17.67 14.33 11.77
CA PHE A 131 -17.46 13.77 10.43
C PHE A 131 -17.37 12.23 10.49
N PRO A 132 -18.41 11.53 10.01
CA PRO A 132 -18.28 10.07 9.98
C PRO A 132 -17.11 9.63 9.08
N ILE A 133 -16.35 8.63 9.50
CA ILE A 133 -15.29 8.05 8.69
C ILE A 133 -15.79 6.76 8.02
N LEU A 134 -15.85 6.78 6.70
CA LEU A 134 -16.42 5.68 5.92
C LEU A 134 -15.39 5.12 4.95
N GLY A 135 -15.44 3.81 4.73
CA GLY A 135 -14.59 3.14 3.77
C GLY A 135 -15.15 1.75 3.50
N GLY A 136 -15.04 1.29 2.27
CA GLY A 136 -15.57 0.00 1.88
C GLY A 136 -17.05 -0.03 2.11
N GLY A 137 -17.69 1.13 1.98
CA GLY A 137 -19.12 1.26 2.18
C GLY A 137 -19.57 1.14 3.64
N GLU A 138 -18.64 1.10 4.59
CA GLU A 138 -19.06 0.97 5.99
C GLU A 138 -18.41 2.00 6.91
N ARG A 139 -18.98 2.14 8.10
CA ARG A 139 -18.51 3.10 9.09
C ARG A 139 -17.30 2.54 9.80
N LEU A 140 -16.17 3.26 9.75
CA LEU A 140 -14.90 2.77 10.30
C LEU A 140 -14.42 3.57 11.50
N GLY A 141 -15.05 4.71 11.75
CA GLY A 141 -14.65 5.57 12.85
C GLY A 141 -15.31 6.92 12.72
N THR A 142 -14.83 7.87 13.53
CA THR A 142 -15.33 9.23 13.52
C THR A 142 -14.22 10.24 13.74
N LEU A 143 -14.32 11.35 13.02
CA LEU A 143 -13.45 12.49 13.21
C LEU A 143 -14.27 13.58 13.88
N VAL A 144 -13.81 14.09 15.01
CA VAL A 144 -14.59 15.07 15.75
C VAL A 144 -13.73 16.32 15.98
N LEU A 145 -14.29 17.48 15.65
CA LEU A 145 -13.59 18.74 15.80
C LEU A 145 -14.34 19.62 16.75
N GLY A 146 -13.63 20.29 17.65
CA GLY A 146 -14.26 21.24 18.56
C GLY A 146 -13.51 22.56 18.63
N ARG A 147 -14.26 23.67 18.50
CA ARG A 147 -13.73 25.02 18.67
C ARG A 147 -14.41 25.70 19.85
N VAL A 148 -13.65 26.49 20.61
CA VAL A 148 -14.20 27.17 21.76
C VAL A 148 -15.07 28.37 21.38
N HIS A 149 -14.81 28.99 20.23
CA HIS A 149 -15.54 30.21 19.87
C HIS A 149 -16.28 30.21 18.53
N ASP A 150 -15.56 30.13 17.42
CA ASP A 150 -16.15 30.46 16.12
C ASP A 150 -16.92 29.32 15.46
N ASP A 151 -17.94 29.66 14.68
CA ASP A 151 -18.67 28.70 13.85
C ASP A 151 -17.81 28.06 12.79
N PHE A 152 -18.18 26.85 12.39
CA PHE A 152 -17.51 26.17 11.27
C PHE A 152 -18.14 26.64 9.96
N ASN A 153 -17.30 26.85 8.95
CA ASN A 153 -17.79 27.25 7.64
C ASN A 153 -17.51 26.19 6.58
N GLU A 154 -17.82 26.51 5.33
CA GLU A 154 -17.63 25.56 4.24
C GLU A 154 -16.18 25.09 4.13
N ASN A 155 -15.21 25.98 4.30
CA ASN A 155 -13.79 25.60 4.25
C ASN A 155 -13.45 24.50 5.24
N ASP A 156 -13.94 24.67 6.46
CA ASP A 156 -13.76 23.68 7.50
C ASP A 156 -14.34 22.34 7.10
N LEU A 157 -15.52 22.36 6.48
CA LEU A 157 -16.16 21.10 6.08
C LEU A 157 -15.42 20.45 4.91
N VAL A 158 -14.91 21.26 3.98
CA VAL A 158 -14.10 20.73 2.89
C VAL A 158 -12.88 20.00 3.48
N LEU A 159 -12.20 20.66 4.42
CA LEU A 159 -11.03 20.06 5.02
C LEU A 159 -11.38 18.80 5.78
N GLY A 160 -12.42 18.89 6.61
CA GLY A 160 -12.80 17.79 7.50
C GLY A 160 -13.32 16.57 6.76
N GLU A 161 -14.10 16.78 5.71
CA GLU A 161 -14.66 15.64 5.00
C GLU A 161 -13.61 14.93 4.20
N TYR A 162 -12.63 15.67 3.68
CA TYR A 162 -11.52 15.07 2.95
C TYR A 162 -10.65 14.27 3.91
N ALA A 163 -10.36 14.87 5.05
CA ALA A 163 -9.55 14.21 6.07
C ALA A 163 -10.22 12.92 6.53
N ALA A 164 -11.53 12.97 6.77
CA ALA A 164 -12.26 11.77 7.19
C ALA A 164 -12.20 10.70 6.10
N THR A 165 -12.31 11.12 4.84
CA THR A 165 -12.21 10.16 3.73
C THR A 165 -10.83 9.50 3.68
N VAL A 166 -9.77 10.29 3.84
CA VAL A 166 -8.42 9.77 3.80
C VAL A 166 -8.15 8.84 4.98
N ILE A 167 -8.67 9.19 6.15
CA ILE A 167 -8.51 8.31 7.31
C ILE A 167 -9.25 7.00 7.04
N GLY A 168 -10.42 7.07 6.40
CA GLY A 168 -11.14 5.86 6.04
C GLY A 168 -10.40 4.96 5.04
N MET A 169 -9.82 5.57 4.01
CA MET A 169 -8.95 4.84 3.10
C MET A 169 -7.84 4.10 3.84
N GLU A 170 -7.23 4.79 4.80
CA GLU A 170 -6.12 4.23 5.56
C GLU A 170 -6.52 3.08 6.48
N ILE A 171 -7.70 3.21 7.08
CA ILE A 171 -8.21 2.13 7.90
C ILE A 171 -8.56 0.95 7.02
N LEU A 172 -9.16 1.22 5.86
CA LEU A 172 -9.55 0.15 4.95
C LEU A 172 -8.31 -0.60 4.49
N ARG A 173 -7.25 0.15 4.16
CA ARG A 173 -6.00 -0.49 3.75
C ARG A 173 -5.42 -1.34 4.87
N GLU A 174 -5.40 -0.80 6.08
CA GLU A 174 -4.86 -1.54 7.22
C GLU A 174 -5.63 -2.82 7.47
N LYS A 175 -6.95 -2.73 7.38
CA LYS A 175 -7.80 -3.89 7.62
C LYS A 175 -7.59 -4.96 6.54
N HIS A 176 -7.51 -4.54 5.27
CA HIS A 176 -7.25 -5.49 4.21
C HIS A 176 -5.86 -6.11 4.36
N SER A 177 -4.87 -5.30 4.70
CA SER A 177 -3.51 -5.82 4.80
C SER A 177 -3.35 -6.76 6.00
N GLU A 178 -4.18 -6.56 7.02
CA GLU A 178 -4.20 -7.50 8.13
C GLU A 178 -4.74 -8.86 7.69
N VAL A 179 -5.86 -8.84 6.97
CA VAL A 179 -6.44 -10.07 6.45
C VAL A 179 -5.48 -10.77 5.50
N GLU A 180 -4.92 -10.00 4.57
CA GLU A 180 -3.99 -10.57 3.61
C GLU A 180 -2.77 -11.18 4.29
N LYS A 181 -2.22 -10.46 5.27
CA LYS A 181 -0.99 -10.90 5.91
C LYS A 181 -1.20 -12.20 6.69
N GLU A 182 -2.35 -12.34 7.35
CA GLU A 182 -2.57 -13.55 8.14
C GLU A 182 -2.83 -14.76 7.25
N ALA A 183 -3.37 -14.52 6.05
CA ALA A 183 -3.56 -15.59 5.08
C ALA A 183 -2.22 -16.00 4.48
N ARG A 184 -1.40 -14.99 4.14
CA ARG A 184 -0.12 -15.24 3.50
C ARG A 184 0.94 -15.72 4.49
N ASP A 185 0.80 -15.36 5.76
CA ASP A 185 1.69 -15.90 6.79
C ASP A 185 1.46 -17.40 6.94
N LYS A 186 0.20 -17.80 7.03
CA LYS A 186 -0.18 -19.20 7.12
C LYS A 186 0.45 -20.03 6.01
N ALA A 187 0.34 -19.54 4.79
CA ALA A 187 0.88 -20.24 3.63
C ALA A 187 2.41 -20.30 3.68
N ALA A 188 3.03 -19.19 4.04
CA ALA A 188 4.49 -19.10 4.13
C ALA A 188 5.05 -20.05 5.18
N ILE A 189 4.39 -20.10 6.33
CA ILE A 189 4.77 -21.02 7.40
C ILE A 189 4.64 -22.47 6.93
N THR A 190 3.56 -22.77 6.22
CA THR A 190 3.34 -24.13 5.71
C THR A 190 4.41 -24.52 4.67
N MET A 191 4.74 -23.60 3.77
CA MET A 191 5.80 -23.84 2.80
C MET A 191 7.15 -24.06 3.50
N ALA A 192 7.43 -23.23 4.49
CA ALA A 192 8.66 -23.29 5.24
C ALA A 192 8.83 -24.65 5.90
N ILE A 193 7.82 -25.05 6.66
CA ILE A 193 7.83 -26.32 7.36
C ILE A 193 8.00 -27.49 6.41
N ASN A 194 7.32 -27.45 5.28
CA ASN A 194 7.41 -28.55 4.32
C ASN A 194 8.76 -28.63 3.61
N SER A 195 9.53 -27.56 3.66
CA SER A 195 10.84 -27.54 2.99
C SER A 195 11.93 -28.11 3.87
N LEU A 196 11.65 -28.30 5.15
CA LEU A 196 12.60 -28.90 6.10
C LEU A 196 12.54 -30.42 6.04
N SER A 197 13.70 -31.05 6.04
CA SER A 197 13.76 -32.49 6.27
C SER A 197 13.38 -32.75 7.72
N TYR A 198 13.02 -33.98 8.04
CA TYR A 198 12.64 -34.31 9.40
C TYR A 198 13.78 -33.99 10.38
N SER A 199 15.01 -34.31 9.98
CA SER A 199 16.16 -34.00 10.81
C SER A 199 16.26 -32.50 11.08
N GLU A 200 15.97 -31.71 10.06
CA GLU A 200 16.07 -30.25 10.19
C GLU A 200 14.96 -29.72 11.10
N LYS A 201 13.76 -30.29 11.02
CA LYS A 201 12.68 -29.91 11.92
C LYS A 201 13.10 -30.14 13.35
N GLU A 202 13.76 -31.27 13.59
CA GLU A 202 14.21 -31.58 14.94
C GLU A 202 15.30 -30.60 15.40
N ALA A 203 16.19 -30.25 14.48
CA ALA A 203 17.27 -29.32 14.81
C ALA A 203 16.69 -27.98 15.26
N ILE A 204 15.68 -27.51 14.54
CA ILE A 204 15.02 -26.25 14.86
C ILE A 204 14.38 -26.29 16.24
N GLU A 205 13.75 -27.43 16.56
CA GLU A 205 13.19 -27.63 17.90
C GLU A 205 14.27 -27.53 18.97
N HIS A 206 15.42 -28.15 18.71
CA HIS A 206 16.56 -28.09 19.62
C HIS A 206 17.12 -26.68 19.74
N ILE A 207 17.11 -25.95 18.63
CA ILE A 207 17.64 -24.58 18.60
C ILE A 207 16.78 -23.65 19.45
N PHE A 208 15.46 -23.77 19.34
CA PHE A 208 14.58 -22.84 20.03
C PHE A 208 14.29 -23.27 21.46
N GLU A 209 14.53 -24.54 21.75
CA GLU A 209 14.45 -25.03 23.12
C GLU A 209 15.64 -24.49 23.89
N GLU A 210 16.81 -24.59 23.28
CA GLU A 210 18.04 -24.12 23.91
C GLU A 210 18.29 -22.65 23.62
N LEU A 211 17.23 -21.97 23.19
CA LEU A 211 17.20 -20.51 23.22
C LEU A 211 16.15 -20.08 24.24
N GLY A 212 16.29 -18.85 24.73
CA GLY A 212 15.26 -18.28 25.57
C GLY A 212 14.03 -17.97 24.73
N GLY A 213 13.34 -19.02 24.29
CA GLY A 213 12.11 -18.86 23.54
C GLY A 213 12.27 -18.69 22.04
N THR A 214 11.58 -17.69 21.50
CA THR A 214 11.38 -17.53 20.07
C THR A 214 12.49 -16.75 19.38
N GLU A 215 13.50 -16.34 20.14
CA GLU A 215 14.65 -15.62 19.59
C GLU A 215 15.82 -15.64 20.55
N GLY A 216 16.92 -14.99 20.17
CA GLY A 216 18.10 -14.92 21.03
C GLY A 216 19.40 -15.21 20.32
N LEU A 217 20.47 -15.35 21.10
CA LEU A 217 21.80 -15.57 20.56
C LEU A 217 22.14 -17.05 20.46
N LEU A 218 22.46 -17.50 19.26
CA LEU A 218 22.75 -18.91 19.02
C LEU A 218 24.20 -19.18 18.67
N ILE A 219 24.82 -20.09 19.41
CA ILE A 219 26.13 -20.62 19.04
C ILE A 219 25.93 -22.06 18.58
N ALA A 220 25.85 -22.23 17.26
CA ALA A 220 25.48 -23.51 16.66
C ALA A 220 26.31 -24.69 17.18
N SER A 221 27.61 -24.48 17.35
CA SER A 221 28.49 -25.54 17.82
C SER A 221 28.11 -26.01 19.23
N LYS A 222 27.79 -25.04 20.09
CA LYS A 222 27.48 -25.31 21.48
C LYS A 222 26.16 -26.07 21.62
N VAL A 223 25.20 -25.77 20.75
CA VAL A 223 23.94 -26.50 20.73
C VAL A 223 24.09 -27.87 20.09
N ALA A 224 24.82 -27.93 18.97
CA ALA A 224 25.08 -29.19 18.28
C ALA A 224 25.73 -30.21 19.20
N ASP A 225 26.67 -29.74 20.01
CA ASP A 225 27.39 -30.64 20.91
C ASP A 225 26.53 -31.06 22.09
N ARG A 226 25.61 -30.20 22.48
CA ARG A 226 24.73 -30.51 23.61
C ARG A 226 23.65 -31.55 23.29
N VAL A 227 23.11 -31.48 22.08
CA VAL A 227 22.02 -32.36 21.69
C VAL A 227 22.55 -33.48 20.79
N GLY A 228 23.85 -33.44 20.52
CA GLY A 228 24.50 -34.50 19.79
C GLY A 228 24.13 -34.59 18.32
N ILE A 229 24.09 -33.44 17.64
CA ILE A 229 23.88 -33.44 16.20
C ILE A 229 24.97 -32.61 15.52
N THR A 230 24.98 -32.61 14.20
CA THR A 230 26.01 -31.90 13.45
C THR A 230 25.64 -30.44 13.32
N ARG A 231 26.64 -29.58 13.32
CA ARG A 231 26.42 -28.15 13.14
C ARG A 231 25.86 -27.91 11.74
N SER A 232 26.25 -28.77 10.80
CA SER A 232 25.83 -28.66 9.40
C SER A 232 24.32 -28.71 9.25
N VAL A 233 23.68 -29.65 9.95
CA VAL A 233 22.23 -29.77 9.89
C VAL A 233 21.58 -28.52 10.48
N ILE A 234 22.12 -28.06 11.61
CA ILE A 234 21.67 -26.83 12.25
C ILE A 234 21.78 -25.64 11.30
N VAL A 235 22.93 -25.49 10.68
CA VAL A 235 23.18 -24.39 9.75
C VAL A 235 22.24 -24.46 8.55
N ASN A 236 22.04 -25.66 8.03
CA ASN A 236 21.17 -25.88 6.88
C ASN A 236 19.72 -25.51 7.16
N ALA A 237 19.21 -25.94 8.31
CA ALA A 237 17.83 -25.70 8.70
C ALA A 237 17.56 -24.20 8.87
N LEU A 238 18.51 -23.50 9.46
CA LEU A 238 18.35 -22.07 9.69
C LEU A 238 18.41 -21.30 8.39
N ARG A 239 19.23 -21.79 7.47
CA ARG A 239 19.36 -21.14 6.17
C ARG A 239 18.03 -21.27 5.41
N LYS A 240 17.45 -22.46 5.47
CA LYS A 240 16.15 -22.72 4.85
C LYS A 240 15.05 -21.81 5.42
N LEU A 241 15.04 -21.64 6.74
CA LEU A 241 14.03 -20.82 7.39
C LEU A 241 14.19 -19.35 7.06
N GLU A 242 15.44 -18.92 6.87
CA GLU A 242 15.73 -17.53 6.55
C GLU A 242 15.21 -17.19 5.16
N SER A 243 15.57 -18.03 4.19
CA SER A 243 15.15 -17.87 2.81
C SER A 243 13.62 -17.96 2.69
N ALA A 244 13.00 -18.72 3.58
CA ALA A 244 11.55 -18.83 3.64
C ALA A 244 10.95 -17.56 4.23
N GLY A 245 11.72 -16.88 5.07
CA GLY A 245 11.29 -15.64 5.67
C GLY A 245 10.46 -15.79 6.93
N VAL A 246 10.61 -16.91 7.62
CA VAL A 246 9.91 -17.11 8.88
C VAL A 246 10.78 -16.63 10.05
N ILE A 247 12.09 -16.54 9.81
CA ILE A 247 13.03 -16.01 10.80
C ILE A 247 13.93 -14.94 10.19
N GLU A 248 14.40 -14.00 11.02
CA GLU A 248 15.51 -13.12 10.66
C GLU A 248 16.73 -13.58 11.46
N SER A 249 17.92 -13.44 10.90
CA SER A 249 19.14 -13.77 11.65
C SER A 249 20.36 -13.05 11.09
N ARG A 250 20.97 -12.19 11.90
CA ARG A 250 22.23 -11.54 11.56
C ARG A 250 23.37 -12.42 12.05
N SER A 251 24.39 -12.62 11.22
CA SER A 251 25.41 -13.64 11.48
C SER A 251 26.74 -13.10 12.02
N LEU A 252 26.76 -12.53 13.22
CA LEU A 252 28.01 -11.99 13.76
C LEU A 252 28.69 -13.05 14.60
N LYS A 255 31.44 -14.17 16.89
CA LYS A 255 30.97 -15.22 17.80
C LYS A 255 29.49 -15.05 18.11
N GLY A 256 28.71 -16.10 17.87
CA GLY A 256 27.28 -16.08 18.12
C GLY A 256 26.48 -15.66 16.91
N THR A 257 25.21 -16.06 16.86
CA THR A 257 24.31 -15.61 15.80
C THR A 257 22.94 -15.30 16.40
N PHE A 258 22.49 -14.06 16.24
CA PHE A 258 21.15 -13.70 16.70
C PHE A 258 20.12 -14.18 15.70
N ILE A 259 19.07 -14.84 16.18
CA ILE A 259 17.98 -15.25 15.32
C ILE A 259 16.65 -14.80 15.90
N LYS A 260 15.66 -14.60 15.05
CA LYS A 260 14.36 -14.16 15.55
C LYS A 260 13.22 -14.58 14.63
N VAL A 261 12.21 -15.22 15.21
CA VAL A 261 11.04 -15.68 14.46
C VAL A 261 10.14 -14.49 14.11
N LYS A 262 9.84 -14.32 12.82
CA LYS A 262 8.94 -13.23 12.41
C LYS A 262 7.49 -13.71 12.59
N LYS A 263 7.24 -14.95 12.16
CA LYS A 263 5.89 -15.49 12.22
C LYS A 263 5.75 -16.37 13.44
N GLU A 264 5.33 -15.81 14.57
CA GLU A 264 5.34 -16.56 15.82
C GLU A 264 4.26 -17.64 15.88
N LYS A 265 3.61 -17.89 14.75
CA LYS A 265 2.72 -19.04 14.60
C LYS A 265 3.52 -20.24 14.10
N PHE A 266 4.82 -20.02 13.89
CA PHE A 266 5.69 -21.02 13.28
C PHE A 266 5.96 -22.24 14.16
N LEU A 267 6.46 -22.01 15.37
CA LEU A 267 6.89 -23.13 16.22
C LEU A 267 5.74 -24.07 16.53
N ASP A 268 4.55 -23.51 16.78
CA ASP A 268 3.36 -24.33 17.01
C ASP A 268 3.00 -25.15 15.78
N GLU A 269 2.98 -24.50 14.62
CA GLU A 269 2.71 -25.19 13.36
C GLU A 269 3.79 -26.24 13.08
N LEU A 270 5.04 -25.92 13.41
CA LEU A 270 6.14 -26.85 13.17
C LEU A 270 5.93 -28.18 13.87
N GLU A 271 5.36 -28.14 15.08
CA GLU A 271 5.21 -29.37 15.83
C GLU A 271 4.02 -30.20 15.36
N LYS A 272 3.04 -29.54 14.74
CA LYS A 272 1.92 -30.25 14.11
C LYS A 272 2.39 -31.18 13.00
N MET B 18 -22.76 25.26 -7.89
CA MET B 18 -22.16 24.07 -7.28
C MET B 18 -20.94 24.43 -6.45
N SER B 19 -21.08 24.33 -5.13
CA SER B 19 -20.03 24.73 -4.20
C SER B 19 -18.80 23.84 -4.36
N LEU B 20 -17.65 24.33 -3.92
CA LEU B 20 -16.47 23.49 -3.88
C LEU B 20 -16.73 22.27 -2.99
N LEU B 21 -17.43 22.48 -1.88
CA LEU B 21 -17.77 21.36 -1.00
C LEU B 21 -18.51 20.25 -1.76
N SER B 22 -19.50 20.63 -2.55
CA SER B 22 -20.22 19.67 -3.39
C SER B 22 -19.33 18.94 -4.38
N LYS B 23 -18.39 19.68 -4.98
CA LYS B 23 -17.45 19.05 -5.91
C LYS B 23 -16.53 18.04 -5.21
N THR B 24 -15.99 18.43 -4.05
CA THR B 24 -15.10 17.51 -3.35
C THR B 24 -15.84 16.27 -2.86
N ARG B 25 -17.14 16.39 -2.59
CA ARG B 25 -17.94 15.24 -2.15
C ARG B 25 -18.05 14.17 -3.23
N GLU B 26 -17.94 14.56 -4.49
CA GLU B 26 -17.99 13.58 -5.57
C GLU B 26 -16.82 12.61 -5.46
N LEU B 27 -15.62 13.15 -5.27
CA LEU B 27 -14.46 12.29 -5.08
C LEU B 27 -14.57 11.55 -3.75
N ASN B 28 -14.98 12.24 -2.69
CA ASN B 28 -15.07 11.56 -1.39
C ASN B 28 -16.00 10.34 -1.47
N THR B 29 -17.13 10.50 -2.13
CA THR B 29 -18.12 9.44 -2.24
C THR B 29 -17.55 8.25 -3.02
N LEU B 30 -16.86 8.55 -4.12
CA LEU B 30 -16.21 7.51 -4.89
C LEU B 30 -15.27 6.72 -3.99
N LEU B 31 -14.46 7.41 -3.21
CA LEU B 31 -13.45 6.73 -2.39
C LEU B 31 -14.07 5.92 -1.28
N GLN B 32 -15.14 6.46 -0.70
CA GLN B 32 -15.81 5.80 0.41
C GLN B 32 -16.59 4.56 0.01
N LYS B 33 -17.12 4.55 -1.21
CA LYS B 33 -18.08 3.54 -1.63
C LYS B 33 -17.59 2.52 -2.66
N HIS B 34 -16.46 2.79 -3.31
CA HIS B 34 -16.02 1.92 -4.41
C HIS B 34 -15.86 0.48 -3.95
N LYS B 35 -16.11 -0.47 -4.86
CA LYS B 35 -15.91 -1.88 -4.57
C LYS B 35 -14.45 -2.24 -4.74
N GLY B 36 -14.02 -3.31 -4.05
CA GLY B 36 -12.65 -3.77 -4.12
C GLY B 36 -11.71 -2.95 -3.27
N ILE B 37 -10.53 -3.48 -3.01
CA ILE B 37 -9.56 -2.78 -2.17
C ILE B 37 -8.96 -1.61 -2.93
N ALA B 38 -8.69 -1.80 -4.21
CA ALA B 38 -8.05 -0.76 -5.01
C ALA B 38 -9.03 0.27 -5.55
N VAL B 39 -8.65 1.53 -5.44
CA VAL B 39 -9.35 2.60 -6.17
C VAL B 39 -8.99 2.50 -7.64
N ASP B 40 -10.00 2.55 -8.51
CA ASP B 40 -9.82 2.53 -9.96
C ASP B 40 -9.55 3.94 -10.51
N PHE B 41 -8.43 4.11 -11.20
CA PHE B 41 -8.04 5.47 -11.63
C PHE B 41 -8.85 5.99 -12.82
N LYS B 42 -9.42 5.10 -13.61
CA LYS B 42 -10.36 5.55 -14.63
C LYS B 42 -11.57 6.21 -13.98
N ASP B 43 -12.07 5.60 -12.89
CA ASP B 43 -13.15 6.19 -12.10
C ASP B 43 -12.76 7.56 -11.56
N VAL B 44 -11.56 7.65 -11.01
CA VAL B 44 -11.08 8.92 -10.48
C VAL B 44 -11.01 9.97 -11.60
N ALA B 45 -10.43 9.59 -12.73
CA ALA B 45 -10.34 10.53 -13.87
C ALA B 45 -11.72 11.03 -14.31
N GLN B 46 -12.67 10.12 -14.43
CA GLN B 46 -14.03 10.50 -14.83
C GLN B 46 -14.67 11.46 -13.81
N THR B 47 -14.48 11.20 -12.53
CA THR B 47 -15.06 12.06 -11.50
C THR B 47 -14.45 13.46 -11.52
N ILE B 48 -13.13 13.54 -11.64
CA ILE B 48 -12.46 14.83 -11.73
C ILE B 48 -12.93 15.58 -12.97
N SER B 49 -13.02 14.85 -14.09
CA SER B 49 -13.45 15.43 -15.35
C SER B 49 -14.82 16.06 -15.23
N SER B 50 -15.72 15.35 -14.58
CA SER B 50 -17.08 15.81 -14.38
C SER B 50 -17.14 17.12 -13.62
N VAL B 51 -16.48 17.20 -12.48
CA VAL B 51 -16.63 18.38 -11.61
C VAL B 51 -15.80 19.57 -12.06
N THR B 52 -14.82 19.37 -12.92
CA THR B 52 -14.00 20.51 -13.34
C THR B 52 -14.16 20.80 -14.83
N VAL B 53 -14.96 19.97 -15.51
CA VAL B 53 -15.18 20.08 -16.96
C VAL B 53 -13.84 20.12 -17.72
N THR B 54 -13.03 19.11 -17.49
CA THR B 54 -11.70 19.02 -18.10
C THR B 54 -11.46 17.72 -18.82
N ASN B 55 -10.46 17.75 -19.70
CA ASN B 55 -9.82 16.56 -20.23
C ASN B 55 -8.83 16.13 -19.18
N VAL B 56 -8.85 14.86 -18.79
CA VAL B 56 -8.01 14.37 -17.68
C VAL B 56 -7.15 13.20 -18.06
N PHE B 57 -5.85 13.30 -17.76
CA PHE B 57 -4.92 12.15 -17.82
C PHE B 57 -4.34 11.87 -16.43
N ILE B 58 -4.25 10.60 -16.09
CA ILE B 58 -3.46 10.15 -14.94
C ILE B 58 -2.37 9.27 -15.51
N VAL B 59 -1.11 9.64 -15.34
CA VAL B 59 -0.04 8.87 -15.95
C VAL B 59 1.00 8.46 -14.94
N SER B 60 1.69 7.36 -15.23
CA SER B 60 2.76 6.85 -14.39
C SER B 60 4.02 7.69 -14.58
N ARG B 61 5.08 7.34 -13.85
CA ARG B 61 6.35 8.06 -14.01
C ARG B 61 6.83 7.99 -15.45
N ARG B 62 6.52 6.89 -16.13
CA ARG B 62 7.02 6.66 -17.49
C ARG B 62 5.94 6.94 -18.55
N GLY B 63 4.86 7.57 -18.13
CA GLY B 63 3.85 8.04 -19.07
C GLY B 63 2.81 7.01 -19.45
N LYS B 64 2.77 5.89 -18.74
CA LYS B 64 1.67 4.97 -19.01
C LYS B 64 0.36 5.62 -18.59
N ILE B 65 -0.69 5.47 -19.40
CA ILE B 65 -1.97 6.07 -19.08
C ILE B 65 -2.74 5.13 -18.16
N LEU B 66 -2.80 5.52 -16.90
CA LEU B 66 -3.41 4.70 -15.86
C LEU B 66 -4.91 4.96 -15.82
N GLY B 67 -5.30 6.17 -16.22
CA GLY B 67 -6.71 6.51 -16.30
C GLY B 67 -6.86 7.75 -17.15
N SER B 68 -7.96 7.87 -17.87
CA SER B 68 -8.20 9.11 -18.60
C SER B 68 -9.69 9.35 -18.72
N SER B 69 -10.03 10.61 -18.93
CA SER B 69 -11.40 10.98 -19.21
C SER B 69 -11.33 12.19 -20.11
N LEU B 70 -11.57 11.98 -21.40
CA LEU B 70 -11.36 13.04 -22.39
C LEU B 70 -12.64 13.45 -23.08
N ASN B 71 -12.64 14.66 -23.61
CA ASN B 71 -13.80 15.18 -24.32
C ASN B 71 -13.32 15.66 -25.68
N GLU B 72 -12.96 16.93 -25.76
CA GLU B 72 -12.49 17.50 -27.01
C GLU B 72 -11.27 16.76 -27.57
N LEU B 73 -10.39 16.29 -26.69
CA LEU B 73 -9.15 15.66 -27.16
C LEU B 73 -9.40 14.32 -27.87
N LEU B 74 -10.58 13.75 -27.68
CA LEU B 74 -10.94 12.54 -28.41
C LEU B 74 -11.01 12.74 -29.92
N LYS B 75 -11.05 13.99 -30.37
CA LYS B 75 -11.14 14.31 -31.78
C LYS B 75 -9.78 14.33 -32.47
N SER B 76 -8.71 14.26 -31.68
CA SER B 76 -7.35 14.27 -32.20
C SER B 76 -6.82 12.86 -32.45
N GLN B 77 -6.42 12.60 -33.68
CA GLN B 77 -5.95 11.27 -34.04
C GLN B 77 -4.67 10.94 -33.29
N ARG B 78 -3.87 11.96 -32.99
CA ARG B 78 -2.65 11.78 -32.22
C ARG B 78 -2.96 11.26 -30.83
N ILE B 79 -3.98 11.84 -30.20
CA ILE B 79 -4.41 11.44 -28.86
C ILE B 79 -4.98 10.01 -28.89
N ILE B 80 -5.79 9.73 -29.90
CA ILE B 80 -6.32 8.38 -30.11
C ILE B 80 -5.20 7.33 -30.14
N GLN B 81 -4.12 7.63 -30.85
CA GLN B 81 -2.98 6.71 -30.92
C GLN B 81 -2.33 6.51 -29.54
N MET B 82 -2.21 7.59 -28.77
CA MET B 82 -1.71 7.49 -27.40
C MET B 82 -2.55 6.51 -26.57
N LEU B 83 -3.87 6.64 -26.69
CA LEU B 83 -4.76 5.78 -25.94
C LEU B 83 -4.57 4.33 -26.36
N GLU B 84 -4.42 4.09 -27.67
CA GLU B 84 -4.21 2.73 -28.16
C GLU B 84 -2.91 2.15 -27.60
N GLU B 85 -1.88 3.00 -27.54
CA GLU B 85 -0.58 2.63 -26.99
C GLU B 85 -0.53 2.62 -25.47
N ARG B 86 -1.57 3.18 -24.84
CA ARG B 86 -1.65 3.36 -23.39
C ARG B 86 -0.50 4.18 -22.83
N HIS B 87 0.09 5.03 -23.66
CA HIS B 87 1.19 5.90 -23.24
C HIS B 87 1.10 7.28 -23.87
N ILE B 88 1.38 8.31 -23.08
CA ILE B 88 1.70 9.62 -23.66
C ILE B 88 3.11 9.55 -24.27
N PRO B 89 3.48 10.51 -25.13
CA PRO B 89 4.79 10.43 -25.78
C PRO B 89 5.95 10.61 -24.81
N SER B 90 7.10 10.03 -25.13
CA SER B 90 8.29 10.10 -24.26
C SER B 90 8.69 11.53 -23.95
N GLU B 91 8.61 12.39 -24.95
CA GLU B 91 9.01 13.78 -24.79
C GLU B 91 8.14 14.46 -23.75
N TYR B 92 6.82 14.28 -23.86
CA TYR B 92 5.90 14.91 -22.90
C TYR B 92 6.12 14.33 -21.51
N THR B 93 6.36 13.02 -21.42
CA THR B 93 6.61 12.35 -20.14
C THR B 93 7.78 13.00 -19.44
N GLU B 94 8.85 13.27 -20.19
CA GLU B 94 10.05 13.87 -19.61
C GLU B 94 9.75 15.28 -19.11
N ARG B 95 9.00 16.05 -19.91
CA ARG B 95 8.63 17.41 -19.52
C ARG B 95 7.79 17.41 -18.23
N LEU B 96 6.86 16.47 -18.11
CA LEU B 96 6.02 16.38 -16.92
C LEU B 96 6.85 16.13 -15.65
N MET B 97 7.86 15.27 -15.79
CA MET B 97 8.70 14.87 -14.67
C MET B 97 9.55 16.03 -14.19
N GLU B 98 9.77 16.99 -15.06
CA GLU B 98 10.51 18.20 -14.69
C GLU B 98 9.70 19.18 -13.88
N VAL B 99 8.38 19.04 -13.89
CA VAL B 99 7.49 19.89 -13.10
C VAL B 99 7.38 19.35 -11.68
N LYS B 100 7.85 20.14 -10.72
CA LYS B 100 8.07 19.61 -9.37
C LYS B 100 6.96 20.01 -8.38
N GLN B 101 6.15 20.99 -8.77
CA GLN B 101 5.00 21.40 -7.97
C GLN B 101 3.89 21.80 -8.94
N THR B 102 2.66 21.88 -8.43
CA THR B 102 1.52 22.25 -9.29
C THR B 102 1.80 23.48 -10.16
N GLU B 103 1.55 23.38 -11.46
CA GLU B 103 1.72 24.50 -12.37
C GLU B 103 0.44 24.66 -13.15
N SER B 104 -0.18 25.83 -13.06
CA SER B 104 -1.51 25.98 -13.62
C SER B 104 -1.60 27.02 -14.74
N ASN B 105 -2.68 26.93 -15.51
CA ASN B 105 -2.99 27.91 -16.56
C ASN B 105 -1.88 28.05 -17.60
N ILE B 106 -1.31 26.91 -17.94
CA ILE B 106 -0.34 26.76 -19.01
C ILE B 106 -1.03 26.91 -20.38
N ASP B 107 -0.49 27.78 -21.23
CA ASP B 107 -1.15 28.07 -22.51
C ASP B 107 -0.67 27.15 -23.65
N ILE B 108 -1.30 27.30 -24.82
CA ILE B 108 -1.09 26.42 -25.96
C ILE B 108 0.33 26.49 -26.52
N ASP B 109 1.05 27.57 -26.23
CA ASP B 109 2.42 27.76 -26.75
C ASP B 109 3.52 27.25 -25.82
N ASN B 110 3.11 26.75 -24.66
CA ASN B 110 4.00 26.18 -23.67
C ASN B 110 4.13 24.68 -23.96
N VAL B 111 5.33 24.13 -23.95
CA VAL B 111 5.47 22.71 -24.27
C VAL B 111 4.75 21.81 -23.26
N LEU B 112 4.36 22.37 -22.11
CA LEU B 112 3.64 21.60 -21.10
C LEU B 112 2.14 21.50 -21.36
N THR B 113 1.66 22.17 -22.41
CA THR B 113 0.24 22.09 -22.73
C THR B 113 -0.14 20.61 -22.96
N VAL B 114 -1.34 20.24 -22.53
CA VAL B 114 -1.80 18.88 -22.79
C VAL B 114 -2.54 18.80 -24.13
N PHE B 115 -2.63 19.93 -24.81
CA PHE B 115 -3.29 20.00 -26.11
C PHE B 115 -2.27 19.83 -27.23
N PRO B 116 -2.72 19.27 -28.36
CA PRO B 116 -1.84 19.16 -29.54
C PRO B 116 -1.57 20.52 -30.16
N PRO B 117 -0.32 20.97 -30.17
CA PRO B 117 0.01 22.31 -30.69
C PRO B 117 -0.25 22.44 -32.18
N GLU B 118 -0.45 21.32 -32.88
CA GLU B 118 -0.73 21.42 -34.31
C GLU B 118 -2.19 21.81 -34.54
N ASN B 119 -2.97 21.80 -33.46
CA ASN B 119 -4.32 22.34 -33.51
C ASN B 119 -4.41 23.65 -32.74
N ARG B 120 -3.41 24.53 -32.95
CA ARG B 120 -3.27 25.76 -32.18
C ARG B 120 -4.51 26.67 -32.20
N GLU B 121 -5.13 26.81 -33.38
CA GLU B 121 -6.29 27.71 -33.53
C GLU B 121 -7.48 27.20 -32.74
N LEU B 122 -7.68 25.89 -32.77
CA LEU B 122 -8.79 25.29 -32.04
C LEU B 122 -8.59 25.46 -30.54
N PHE B 123 -7.35 25.38 -30.09
CA PHE B 123 -7.08 25.38 -28.66
C PHE B 123 -6.35 26.65 -28.19
N ILE B 124 -6.62 27.75 -28.89
CA ILE B 124 -5.87 28.99 -28.69
C ILE B 124 -6.03 29.55 -27.27
N ASP B 125 -7.20 29.37 -26.66
CA ASP B 125 -7.44 29.85 -25.30
C ASP B 125 -7.35 28.77 -24.24
N SER B 126 -6.81 27.61 -24.61
CA SER B 126 -6.80 26.47 -23.72
C SER B 126 -5.90 26.70 -22.52
N ARG B 127 -6.23 26.03 -21.42
CA ARG B 127 -5.44 26.09 -20.19
C ARG B 127 -5.16 24.68 -19.70
N THR B 128 -3.94 24.46 -19.25
CA THR B 128 -3.53 23.16 -18.75
C THR B 128 -3.02 23.35 -17.34
N THR B 129 -3.34 22.41 -16.44
CA THR B 129 -2.72 22.40 -15.12
C THR B 129 -2.11 21.04 -14.85
N ILE B 130 -0.88 21.06 -14.33
CA ILE B 130 -0.11 19.85 -14.06
C ILE B 130 0.02 19.66 -12.56
N PHE B 131 -0.37 18.48 -12.09
CA PHE B 131 -0.34 18.15 -10.67
C PHE B 131 0.59 16.97 -10.48
N PRO B 132 1.83 17.21 -10.02
CA PRO B 132 2.69 16.08 -9.66
C PRO B 132 1.98 15.15 -8.66
N ILE B 133 2.08 13.85 -8.88
CA ILE B 133 1.54 12.87 -7.95
C ILE B 133 2.68 12.32 -7.10
N LEU B 134 2.65 12.62 -5.80
CA LEU B 134 3.66 12.16 -4.87
C LEU B 134 3.05 11.20 -3.86
N GLY B 135 3.78 10.16 -3.50
CA GLY B 135 3.38 9.27 -2.42
C GLY B 135 4.63 8.63 -1.83
N GLY B 136 4.62 8.42 -0.52
CA GLY B 136 5.77 7.83 0.15
C GLY B 136 7.04 8.65 -0.06
N GLY B 137 6.87 9.96 -0.26
CA GLY B 137 7.99 10.86 -0.48
C GLY B 137 8.63 10.76 -1.85
N GLU B 138 7.91 10.15 -2.80
CA GLU B 138 8.45 9.87 -4.12
C GLU B 138 7.49 10.36 -5.20
N ARG B 139 8.04 10.80 -6.33
CA ARG B 139 7.23 11.08 -7.51
C ARG B 139 6.72 9.76 -8.08
N LEU B 140 5.40 9.63 -8.21
CA LEU B 140 4.80 8.37 -8.64
C LEU B 140 4.01 8.52 -9.91
N GLY B 141 3.82 9.76 -10.35
CA GLY B 141 3.10 9.99 -11.59
C GLY B 141 2.66 11.42 -11.70
N THR B 142 1.75 11.67 -12.62
CA THR B 142 1.29 13.03 -12.88
C THR B 142 -0.19 13.03 -13.21
N LEU B 143 -0.92 13.99 -12.65
CA LEU B 143 -2.30 14.25 -13.00
C LEU B 143 -2.35 15.50 -13.87
N VAL B 144 -2.99 15.42 -15.03
CA VAL B 144 -3.01 16.56 -15.95
C VAL B 144 -4.42 16.91 -16.37
N LEU B 145 -4.79 18.17 -16.23
CA LEU B 145 -6.13 18.66 -16.57
C LEU B 145 -6.02 19.68 -17.68
N GLY B 146 -6.90 19.58 -18.68
CA GLY B 146 -6.93 20.59 -19.73
C GLY B 146 -8.34 21.09 -20.03
N ARG B 147 -8.48 22.41 -20.13
CA ARG B 147 -9.73 23.09 -20.49
C ARG B 147 -9.54 23.84 -21.80
N VAL B 148 -10.56 23.87 -22.66
CA VAL B 148 -10.43 24.58 -23.93
C VAL B 148 -10.56 26.11 -23.76
N HIS B 149 -11.22 26.58 -22.70
CA HIS B 149 -11.41 28.03 -22.57
C HIS B 149 -11.03 28.67 -21.23
N ASP B 150 -11.56 28.13 -20.13
CA ASP B 150 -11.57 28.87 -18.87
C ASP B 150 -10.35 28.65 -17.97
N ASP B 151 -9.88 29.73 -17.35
CA ASP B 151 -8.80 29.68 -16.35
C ASP B 151 -9.14 28.75 -15.16
N PHE B 152 -8.10 28.14 -14.60
CA PHE B 152 -8.21 27.39 -13.35
C PHE B 152 -8.11 28.36 -12.18
N ASN B 153 -8.90 28.13 -11.13
CA ASN B 153 -8.83 28.95 -9.93
C ASN B 153 -8.42 28.06 -8.74
N GLU B 154 -8.26 28.64 -7.56
CA GLU B 154 -7.77 27.86 -6.42
C GLU B 154 -8.72 26.75 -6.00
N ASN B 155 -10.02 26.86 -6.28
CA ASN B 155 -10.92 25.76 -5.98
C ASN B 155 -10.57 24.55 -6.86
N ASP B 156 -10.32 24.81 -8.15
CA ASP B 156 -9.86 23.77 -9.06
C ASP B 156 -8.58 23.14 -8.54
N LEU B 157 -7.70 23.94 -7.97
CA LEU B 157 -6.44 23.41 -7.50
C LEU B 157 -6.61 22.54 -6.26
N VAL B 158 -7.55 22.93 -5.37
CA VAL B 158 -7.86 22.08 -4.23
C VAL B 158 -8.35 20.73 -4.72
N LEU B 159 -9.24 20.74 -5.71
CA LEU B 159 -9.76 19.49 -6.24
C LEU B 159 -8.66 18.61 -6.87
N GLY B 160 -7.81 19.24 -7.68
CA GLY B 160 -6.76 18.49 -8.38
C GLY B 160 -5.75 17.93 -7.41
N GLU B 161 -5.41 18.70 -6.39
CA GLU B 161 -4.39 18.28 -5.44
C GLU B 161 -4.90 17.21 -4.47
N TYR B 162 -6.20 17.25 -4.12
CA TYR B 162 -6.85 16.13 -3.43
C TYR B 162 -6.74 14.85 -4.25
N ALA B 163 -7.14 14.93 -5.52
CA ALA B 163 -7.12 13.74 -6.36
C ALA B 163 -5.68 13.25 -6.50
N ALA B 164 -4.73 14.16 -6.73
CA ALA B 164 -3.33 13.73 -6.89
C ALA B 164 -2.81 13.01 -5.64
N THR B 165 -3.16 13.52 -4.47
CA THR B 165 -2.70 12.93 -3.21
C THR B 165 -3.26 11.52 -3.03
N VAL B 166 -4.56 11.33 -3.28
CA VAL B 166 -5.13 10.00 -3.07
C VAL B 166 -4.66 9.01 -4.15
N ILE B 167 -4.46 9.47 -5.38
CA ILE B 167 -3.83 8.61 -6.40
C ILE B 167 -2.46 8.16 -5.91
N GLY B 168 -1.69 9.10 -5.36
CA GLY B 168 -0.37 8.78 -4.83
C GLY B 168 -0.40 7.74 -3.71
N MET B 169 -1.37 7.88 -2.81
CA MET B 169 -1.51 6.91 -1.73
C MET B 169 -1.80 5.53 -2.30
N GLU B 170 -2.63 5.49 -3.34
CA GLU B 170 -3.04 4.24 -3.95
C GLU B 170 -1.90 3.60 -4.75
N ILE B 171 -1.11 4.40 -5.47
CA ILE B 171 0.06 3.84 -6.17
C ILE B 171 1.05 3.31 -5.15
N LEU B 172 1.24 4.04 -4.05
CA LEU B 172 2.16 3.58 -3.01
C LEU B 172 1.75 2.20 -2.49
N ARG B 173 0.45 2.04 -2.20
CA ARG B 173 -0.09 0.77 -1.74
C ARG B 173 0.18 -0.36 -2.75
N GLU B 174 -0.05 -0.08 -4.03
CA GLU B 174 0.11 -1.11 -5.06
C GLU B 174 1.58 -1.50 -5.24
N LYS B 175 2.46 -0.51 -5.19
CA LYS B 175 3.88 -0.79 -5.36
C LYS B 175 4.39 -1.63 -4.19
N HIS B 176 3.89 -1.35 -2.99
CA HIS B 176 4.24 -2.16 -1.84
C HIS B 176 3.76 -3.61 -2.00
N SER B 177 2.56 -3.80 -2.56
CA SER B 177 2.09 -5.16 -2.82
C SER B 177 2.97 -5.88 -3.84
N GLU B 178 3.42 -5.13 -4.86
CA GLU B 178 4.24 -5.71 -5.90
C GLU B 178 5.61 -6.13 -5.37
N VAL B 179 6.15 -5.35 -4.43
CA VAL B 179 7.40 -5.72 -3.78
C VAL B 179 7.25 -7.03 -3.02
N GLU B 180 6.13 -7.17 -2.31
CA GLU B 180 5.89 -8.38 -1.54
C GLU B 180 5.66 -9.60 -2.44
N LYS B 181 5.01 -9.39 -3.58
CA LYS B 181 4.78 -10.48 -4.52
C LYS B 181 6.09 -10.97 -5.11
N GLU B 182 6.97 -10.03 -5.44
CA GLU B 182 8.27 -10.40 -6.00
C GLU B 182 9.14 -11.14 -4.98
N ALA B 183 8.99 -10.78 -3.71
CA ALA B 183 9.69 -11.51 -2.65
C ALA B 183 9.19 -12.95 -2.59
N ARG B 184 7.88 -13.13 -2.62
CA ARG B 184 7.30 -14.47 -2.57
C ARG B 184 7.74 -15.33 -3.76
N ASP B 185 7.80 -14.72 -4.93
CA ASP B 185 8.25 -15.41 -6.13
C ASP B 185 9.70 -15.85 -6.02
N LYS B 186 10.54 -14.96 -5.49
CA LYS B 186 11.95 -15.26 -5.28
C LYS B 186 12.12 -16.42 -4.29
N ALA B 187 11.31 -16.39 -3.23
CA ALA B 187 11.39 -17.43 -2.20
C ALA B 187 10.97 -18.79 -2.73
N ALA B 188 9.94 -18.80 -3.58
CA ALA B 188 9.43 -20.03 -4.19
C ALA B 188 10.50 -20.75 -5.00
N ILE B 189 11.26 -19.97 -5.77
CA ILE B 189 12.31 -20.54 -6.60
C ILE B 189 13.42 -21.13 -5.74
N THR B 190 13.86 -20.35 -4.75
CA THR B 190 14.96 -20.78 -3.89
C THR B 190 14.57 -22.02 -3.07
N MET B 191 13.32 -22.07 -2.62
CA MET B 191 12.84 -23.23 -1.86
C MET B 191 12.79 -24.47 -2.75
N ALA B 192 12.41 -24.27 -4.01
CA ALA B 192 12.38 -25.35 -4.99
C ALA B 192 13.77 -25.91 -5.22
N ILE B 193 14.75 -25.01 -5.36
CA ILE B 193 16.13 -25.43 -5.60
C ILE B 193 16.66 -26.25 -4.42
N ASN B 194 16.34 -25.81 -3.21
CA ASN B 194 16.89 -26.41 -2.00
C ASN B 194 16.00 -27.54 -1.48
N SER B 195 15.01 -27.90 -2.28
CA SER B 195 14.26 -29.12 -2.04
C SER B 195 14.99 -30.26 -2.73
N LEU B 196 15.91 -29.91 -3.62
CA LEU B 196 16.64 -30.89 -4.41
C LEU B 196 17.83 -31.49 -3.66
N SER B 197 17.89 -32.81 -3.64
CA SER B 197 19.03 -33.52 -3.09
C SER B 197 20.25 -33.21 -3.96
N TYR B 198 21.44 -33.62 -3.51
CA TYR B 198 22.65 -33.38 -4.26
C TYR B 198 22.58 -33.93 -5.68
N SER B 199 22.25 -35.23 -5.79
CA SER B 199 22.13 -35.89 -7.08
C SER B 199 21.00 -35.30 -7.93
N GLU B 200 19.92 -34.91 -7.26
CA GLU B 200 18.78 -34.30 -7.95
C GLU B 200 19.17 -32.97 -8.57
N LYS B 201 19.95 -32.20 -7.82
CA LYS B 201 20.42 -30.90 -8.30
C LYS B 201 21.39 -31.05 -9.48
N GLU B 202 22.31 -32.01 -9.38
CA GLU B 202 23.27 -32.21 -10.46
C GLU B 202 22.53 -32.68 -11.72
N ALA B 203 21.50 -33.50 -11.53
CA ALA B 203 20.66 -33.97 -12.64
C ALA B 203 19.98 -32.78 -13.32
N ILE B 204 19.29 -31.97 -12.51
CA ILE B 204 18.61 -30.78 -13.01
C ILE B 204 19.58 -29.83 -13.72
N GLU B 205 20.73 -29.60 -13.11
CA GLU B 205 21.73 -28.70 -13.68
C GLU B 205 22.19 -29.15 -15.06
N HIS B 206 22.42 -30.45 -15.21
CA HIS B 206 22.82 -31.00 -16.50
C HIS B 206 21.65 -31.01 -17.49
N ILE B 207 20.44 -31.19 -16.97
CA ILE B 207 19.24 -31.27 -17.79
C ILE B 207 18.94 -29.95 -18.51
N PHE B 208 19.03 -28.83 -17.79
CA PHE B 208 18.67 -27.53 -18.33
C PHE B 208 19.83 -26.84 -19.04
N GLU B 209 21.05 -27.15 -18.62
CA GLU B 209 22.24 -26.71 -19.33
C GLU B 209 22.17 -27.26 -20.76
N GLU B 210 21.86 -28.54 -20.84
CA GLU B 210 21.65 -29.24 -22.10
C GLU B 210 20.38 -28.87 -22.85
N LEU B 211 19.34 -28.53 -22.10
CA LEU B 211 18.01 -28.33 -22.69
C LEU B 211 18.04 -27.28 -23.80
N GLY B 212 19.11 -26.51 -23.83
CA GLY B 212 19.32 -25.53 -24.88
C GLY B 212 18.63 -24.22 -24.56
N GLY B 213 17.89 -24.21 -23.46
CA GLY B 213 17.20 -23.00 -23.05
C GLY B 213 15.86 -23.28 -22.39
N THR B 214 14.80 -22.64 -22.89
CA THR B 214 13.53 -22.72 -22.21
C THR B 214 12.80 -24.04 -22.53
N GLU B 215 12.82 -24.47 -23.80
CA GLU B 215 12.20 -25.75 -24.14
C GLU B 215 13.22 -26.80 -24.57
N GLY B 216 12.72 -28.01 -24.74
CA GLY B 216 13.55 -29.11 -25.22
C GLY B 216 13.00 -30.43 -24.72
N LEU B 217 13.22 -31.48 -25.49
CA LEU B 217 12.84 -32.82 -25.08
C LEU B 217 14.00 -33.47 -24.33
N LEU B 218 13.67 -34.18 -23.25
CA LEU B 218 14.69 -34.84 -22.45
C LEU B 218 14.71 -36.33 -22.72
N ILE B 219 15.90 -36.87 -23.00
CA ILE B 219 16.09 -38.31 -22.92
C ILE B 219 16.87 -38.57 -21.64
N ALA B 220 16.15 -39.04 -20.63
CA ALA B 220 16.69 -39.19 -19.28
C ALA B 220 17.85 -40.18 -19.21
N SER B 221 17.79 -41.21 -20.05
CA SER B 221 18.81 -42.25 -20.09
C SER B 221 20.19 -41.65 -20.30
N LYS B 222 20.24 -40.61 -21.12
CA LYS B 222 21.48 -39.93 -21.44
C LYS B 222 22.08 -39.26 -20.20
N VAL B 223 21.24 -38.57 -19.44
CA VAL B 223 21.70 -37.94 -18.21
C VAL B 223 22.05 -39.02 -17.18
N ALA B 224 21.33 -40.14 -17.24
CA ALA B 224 21.49 -41.22 -16.27
C ALA B 224 22.80 -41.99 -16.47
N ASP B 225 23.50 -41.74 -17.57
CA ASP B 225 24.81 -42.33 -17.79
C ASP B 225 25.83 -41.80 -16.79
N ARG B 226 25.61 -40.57 -16.33
CA ARG B 226 26.47 -39.95 -15.32
C ARG B 226 26.42 -40.72 -14.00
N VAL B 227 27.58 -40.95 -13.41
CA VAL B 227 27.66 -41.72 -12.17
C VAL B 227 26.98 -40.94 -11.03
N GLY B 228 26.10 -41.63 -10.31
CA GLY B 228 25.40 -41.01 -9.19
C GLY B 228 24.00 -40.53 -9.56
N ILE B 229 23.72 -40.47 -10.86
CA ILE B 229 22.39 -40.09 -11.35
C ILE B 229 21.70 -41.30 -11.96
N THR B 230 20.47 -41.56 -11.52
CA THR B 230 19.67 -42.63 -12.09
C THR B 230 18.39 -42.07 -12.71
N ARG B 231 17.63 -42.92 -13.38
CA ARG B 231 16.37 -42.50 -13.99
C ARG B 231 15.39 -42.05 -12.93
N SER B 232 15.37 -42.77 -11.80
CA SER B 232 14.49 -42.42 -10.69
C SER B 232 14.88 -41.11 -10.02
N VAL B 233 16.17 -40.80 -10.00
CA VAL B 233 16.65 -39.52 -9.48
C VAL B 233 16.12 -38.38 -10.35
N ILE B 234 16.18 -38.57 -11.66
CA ILE B 234 15.70 -37.58 -12.62
C ILE B 234 14.20 -37.35 -12.46
N VAL B 235 13.45 -38.43 -12.33
CA VAL B 235 12.00 -38.35 -12.09
C VAL B 235 11.70 -37.56 -10.82
N ASN B 236 12.39 -37.91 -9.73
CA ASN B 236 12.20 -37.22 -8.45
C ASN B 236 12.53 -35.73 -8.51
N ALA B 237 13.67 -35.40 -9.12
CA ALA B 237 14.09 -34.02 -9.26
C ALA B 237 13.07 -33.22 -10.07
N LEU B 238 12.63 -33.80 -11.18
CA LEU B 238 11.69 -33.12 -12.08
C LEU B 238 10.35 -32.88 -11.41
N ARG B 239 9.90 -33.85 -10.61
CA ARG B 239 8.60 -33.75 -9.95
C ARG B 239 8.57 -32.67 -8.87
N LYS B 240 9.68 -32.51 -8.15
CA LYS B 240 9.80 -31.47 -7.13
C LYS B 240 9.66 -30.09 -7.79
N LEU B 241 10.40 -29.89 -8.87
CA LEU B 241 10.35 -28.62 -9.61
C LEU B 241 8.96 -28.34 -10.17
N GLU B 242 8.29 -29.37 -10.67
CA GLU B 242 6.97 -29.22 -11.27
C GLU B 242 5.91 -28.93 -10.20
N SER B 243 6.00 -29.63 -9.07
CA SER B 243 5.08 -29.42 -7.96
C SER B 243 5.18 -27.97 -7.48
N ALA B 244 6.39 -27.44 -7.51
CA ALA B 244 6.67 -26.07 -7.10
C ALA B 244 6.16 -25.06 -8.11
N GLY B 245 5.83 -25.53 -9.31
CA GLY B 245 5.34 -24.68 -10.38
C GLY B 245 6.46 -24.08 -11.20
N VAL B 246 7.66 -24.63 -11.06
CA VAL B 246 8.83 -24.11 -11.74
C VAL B 246 8.85 -24.57 -13.21
N ILE B 247 8.38 -25.78 -13.46
CA ILE B 247 8.36 -26.33 -14.80
C ILE B 247 7.06 -27.08 -15.09
N GLU B 248 6.85 -27.40 -16.36
CA GLU B 248 5.79 -28.31 -16.78
C GLU B 248 6.43 -29.46 -17.55
N SER B 249 5.80 -30.63 -17.53
CA SER B 249 6.36 -31.81 -18.19
C SER B 249 5.29 -32.73 -18.77
N ARG B 250 5.70 -33.54 -19.74
CA ARG B 250 4.84 -34.54 -20.38
C ARG B 250 5.73 -35.42 -21.25
N SER B 251 5.33 -36.67 -21.48
CA SER B 251 6.12 -37.59 -22.29
C SER B 251 5.99 -37.29 -23.78
N LYS B 255 10.60 -42.00 -27.24
CA LYS B 255 9.98 -40.67 -27.16
C LYS B 255 10.79 -39.74 -26.26
N GLY B 256 10.47 -39.75 -24.97
CA GLY B 256 11.17 -38.90 -24.02
C GLY B 256 10.22 -38.03 -23.21
N THR B 257 10.77 -36.99 -22.57
CA THR B 257 9.98 -36.08 -21.75
C THR B 257 10.21 -34.62 -22.15
N PHE B 258 9.13 -33.90 -22.44
CA PHE B 258 9.22 -32.51 -22.89
C PHE B 258 9.13 -31.55 -21.71
N ILE B 259 10.10 -30.63 -21.63
CA ILE B 259 10.20 -29.72 -20.49
C ILE B 259 10.04 -28.24 -20.88
N LYS B 260 9.19 -27.55 -20.13
CA LYS B 260 8.84 -26.16 -20.37
C LYS B 260 9.05 -25.41 -19.04
N VAL B 261 9.95 -24.43 -19.04
CA VAL B 261 10.20 -23.62 -17.85
C VAL B 261 9.13 -22.54 -17.74
N LYS B 262 8.63 -22.32 -16.51
CA LYS B 262 7.55 -21.35 -16.31
C LYS B 262 7.99 -20.15 -15.46
N LYS B 263 9.22 -20.20 -14.96
CA LYS B 263 9.78 -19.10 -14.18
C LYS B 263 11.28 -19.00 -14.44
N GLU B 264 11.68 -18.62 -15.66
CA GLU B 264 13.10 -18.73 -16.06
C GLU B 264 14.02 -17.88 -15.18
N LYS B 265 13.44 -17.09 -14.29
CA LYS B 265 14.22 -16.58 -13.18
C LYS B 265 14.56 -17.74 -12.22
N PHE B 266 14.31 -18.98 -12.68
CA PHE B 266 14.81 -20.19 -12.04
C PHE B 266 16.07 -20.71 -12.74
N LEU B 267 16.15 -20.56 -14.06
CA LEU B 267 17.39 -20.86 -14.78
C LEU B 267 18.49 -19.97 -14.22
N ASP B 268 18.24 -18.66 -14.26
CA ASP B 268 18.94 -17.73 -13.38
C ASP B 268 18.56 -18.17 -11.98
N GLU B 269 19.50 -18.11 -11.03
CA GLU B 269 19.36 -18.58 -9.63
C GLU B 269 19.88 -20.01 -9.49
N LEU B 270 19.54 -20.89 -10.42
CA LEU B 270 20.00 -22.26 -10.36
C LEU B 270 21.52 -22.30 -10.46
N GLU B 271 22.09 -21.30 -11.12
CA GLU B 271 23.54 -21.23 -11.30
C GLU B 271 24.27 -20.73 -10.05
N LYS B 272 23.69 -19.79 -9.31
CA LYS B 272 24.33 -19.30 -8.09
C LYS B 272 24.22 -20.33 -6.97
N ILE C . -19.62 15.34 25.48
CA ILE C . -18.80 14.15 25.71
C ILE C . -18.94 13.73 27.15
O ILE C . -19.35 14.53 27.97
CB ILE C . -17.32 14.41 25.35
CG1 ILE C . -16.54 13.11 25.18
CG2 ILE C . -16.68 15.29 26.42
CD1 ILE C . -15.28 13.24 24.31
OXT ILE C . -18.65 12.58 27.54
PG GTP D . -12.95 -0.89 15.97
O1G GTP D . -13.01 -2.32 15.49
O2G GTP D . -13.43 0.06 14.89
O3G GTP D . -13.80 -0.72 17.20
O3B GTP D . -11.42 -0.51 16.30
PB GTP D . -10.71 -0.74 17.73
O1B GTP D . -10.48 -2.21 18.05
O2B GTP D . -11.43 0.02 18.82
O3A GTP D . -9.29 -0.01 17.49
PA GTP D . -8.19 -0.54 16.46
O1A GTP D . -8.59 -1.88 15.90
O2A GTP D . -6.86 -0.53 17.17
O5' GTP D . -8.16 0.57 15.30
C5' GTP D . -9.18 0.64 14.32
C4' GTP D . -8.54 0.49 12.94
O4' GTP D . -7.68 1.60 12.67
C3' GTP D . -7.68 -0.74 12.79
O3' GTP D . -7.86 -1.20 11.47
C2' GTP D . -6.27 -0.22 12.96
O2' GTP D . -5.30 -0.98 12.28
C1' GTP D . -6.39 1.15 12.33
N9 GTP D . -5.46 2.16 12.89
C8 GTP D . -5.35 2.56 14.21
N7 GTP D . -4.41 3.53 14.27
C5 GTP D . -3.96 3.79 13.01
C6 GTP D . -3.03 4.68 12.50
O6 GTP D . -2.40 5.48 13.22
N1 GTP D . -2.80 4.68 11.13
C2 GTP D . -3.46 3.82 10.30
N2 GTP D . -3.22 3.84 8.98
N3 GTP D . -4.38 2.94 10.82
C4 GTP D . -4.61 2.93 12.15
N ILE E . 1.38 18.72 -25.91
CA ILE E . 1.56 17.28 -25.88
C ILE E . 2.09 16.79 -27.23
O ILE E . 2.04 17.51 -28.23
CB ILE E . 0.24 16.55 -25.52
CG1 ILE E . 0.50 15.11 -25.08
CG2 ILE E . -0.72 16.61 -26.71
CD1 ILE E . -0.70 14.45 -24.42
OXT ILE E . 2.57 15.66 -27.37
PG GTP F . 6.27 3.36 -13.35
O1G GTP F . 7.00 2.48 -12.36
O2G GTP F . 7.13 3.59 -14.58
O3G GTP F . 5.92 4.69 -12.71
O3B GTP F . 4.91 2.63 -13.77
PB GTP F . 4.69 1.94 -15.20
O1B GTP F . 5.55 0.72 -15.38
O2B GTP F . 4.84 2.91 -16.36
O3A GTP F . 3.11 1.58 -15.04
PA GTP F . 2.51 0.63 -13.88
O1A GTP F . 1.64 -0.42 -14.52
O2A GTP F . 3.61 0.05 -13.03
O5' GTP F . 1.57 1.58 -12.97
C5' GTP F . 2.11 2.35 -11.91
C4' GTP F . 1.48 1.91 -10.58
O4' GTP F . 0.09 2.19 -10.58
C3' GTP F . 1.58 0.41 -10.36
O3' GTP F . 1.81 0.23 -8.99
C2' GTP F . 0.20 -0.12 -10.69
O2' GTP F . -0.11 -1.28 -9.97
C1' GTP F . -0.66 1.03 -10.23
N9 GTP F . -1.95 1.21 -10.91
C8 GTP F . -2.22 1.33 -12.25
N7 GTP F . -3.53 1.56 -12.44
C5 GTP F . -4.13 1.62 -11.23
C6 GTP F . -5.44 1.85 -10.82
O6 GTP F . -6.37 2.05 -11.62
N1 GTP F . -5.73 1.85 -9.46
C2 GTP F . -4.73 1.64 -8.55
N2 GTP F . -5.02 1.65 -7.23
N3 GTP F . -3.43 1.42 -8.95
C4 GTP F . -3.15 1.42 -10.26
#